data_8II3
#
_entry.id   8II3
#
_cell.length_a   43.416
_cell.length_b   85.578
_cell.length_c   63.918
_cell.angle_alpha   90.00
_cell.angle_beta   90.00
_cell.angle_gamma   90.00
#
_symmetry.space_group_name_H-M   'P 21 21 2'
#
loop_
_entity.id
_entity.type
_entity.pdbx_description
1 polymer Transthyretin
2 non-polymer [3,5-bis(iodanyl)-4-oxidanyl-phenyl]-(2-ethyl-6-oxidanyl-1-benzofuran-3-yl)methanone
3 water water
#
_entity_poly.entity_id   1
_entity_poly.type   'polypeptide(L)'
_entity_poly.pdbx_seq_one_letter_code
;MRGSHHHHHHGSMASHRLLLLCLAGLVFVSEAGPTGTGESKCPLMVKVLDAVRGSPAINVAMHVFRKAADDTWEPFASGK
TSESGELHGLTTEEEFVEGIYKVEIDTKSYWKALGISPFHEHAEVVFTANDSGPRRYTIAALLSPYSYSTTAVVTNPKE
;
_entity_poly.pdbx_strand_id   A,B
#
loop_
_chem_comp.id
_chem_comp.type
_chem_comp.name
_chem_comp.formula
PKK non-polymer [3,5-bis(iodanyl)-4-oxidanyl-phenyl]-(2-ethyl-6-oxidanyl-1-benzofuran-3-yl)methanone 'C17 H12 I2 O4'
#
# COMPACT_ATOMS: atom_id res chain seq x y z
N CYS A 42 12.54 -20.65 3.20
CA CYS A 42 12.10 -19.28 3.47
C CYS A 42 10.98 -18.88 2.51
N PRO A 43 9.74 -19.15 2.93
CA PRO A 43 8.59 -18.90 2.06
C PRO A 43 8.17 -17.45 1.98
N LEU A 44 8.58 -16.60 2.92
CA LEU A 44 8.17 -15.20 2.93
C LEU A 44 9.37 -14.40 3.40
N MET A 45 9.85 -13.48 2.55
CA MET A 45 10.97 -12.62 2.88
C MET A 45 10.56 -11.21 2.47
N VAL A 46 11.01 -10.20 3.22
CA VAL A 46 10.70 -8.80 2.90
C VAL A 46 11.99 -8.03 2.78
N LYS A 47 12.15 -7.27 1.70
CA LYS A 47 13.33 -6.43 1.49
C LYS A 47 12.92 -4.99 1.31
N VAL A 48 13.62 -4.09 1.99
CA VAL A 48 13.28 -2.67 1.99
C VAL A 48 14.54 -1.86 1.63
N LEU A 49 14.40 -0.96 0.67
CA LEU A 49 15.47 -0.09 0.22
C LEU A 49 15.08 1.37 0.40
N ASP A 50 16.08 2.22 0.57
CA ASP A 50 15.93 3.66 0.75
C ASP A 50 16.41 4.37 -0.53
N ALA A 51 15.48 5.04 -1.21
CA ALA A 51 15.73 5.73 -2.47
C ALA A 51 16.35 7.10 -2.31
N VAL A 52 16.45 7.62 -1.08
CA VAL A 52 17.12 8.90 -0.84
C VAL A 52 18.61 8.68 -0.66
N ARG A 53 18.98 7.66 0.10
CA ARG A 53 20.37 7.39 0.40
C ARG A 53 20.99 6.32 -0.49
N GLY A 54 20.20 5.55 -1.22
CA GLY A 54 20.76 4.49 -2.04
C GLY A 54 21.33 3.37 -1.21
N SER A 55 20.55 2.88 -0.27
CA SER A 55 21.07 1.95 0.72
C SER A 55 19.94 1.04 1.15
N PRO A 56 20.24 -0.09 1.76
CA PRO A 56 19.18 -0.83 2.47
C PRO A 56 18.55 0.07 3.51
N ALA A 57 17.26 -0.18 3.79
CA ALA A 57 16.53 0.50 4.85
C ALA A 57 16.61 -0.43 6.07
N ILE A 58 17.45 -0.07 7.02
CA ILE A 58 17.82 -0.90 8.16
C ILE A 58 16.88 -0.62 9.33
N ASN A 59 16.55 -1.68 10.07
CA ASN A 59 15.77 -1.57 11.31
C ASN A 59 14.34 -1.08 11.06
N VAL A 60 13.78 -1.44 9.91
CA VAL A 60 12.39 -1.12 9.60
C VAL A 60 11.51 -2.21 10.20
N ALA A 61 10.59 -1.82 11.06
CA ALA A 61 9.67 -2.77 11.68
C ALA A 61 8.54 -3.10 10.73
N MET A 62 8.06 -4.34 10.82
CA MET A 62 6.83 -4.64 10.09
C MET A 62 6.07 -5.74 10.82
N HIS A 63 4.77 -5.76 10.57
CA HIS A 63 3.88 -6.78 11.12
C HIS A 63 3.14 -7.42 9.97
N VAL A 64 3.02 -8.75 10.02
CA VAL A 64 2.27 -9.52 9.03
C VAL A 64 1.01 -10.04 9.69
N PHE A 65 -0.10 -9.95 8.96
CA PHE A 65 -1.42 -10.39 9.43
C PHE A 65 -2.00 -11.33 8.41
N ARG A 66 -2.93 -12.16 8.88
CA ARG A 66 -3.61 -13.11 8.01
C ARG A 66 -5.10 -12.99 8.26
N LYS A 67 -5.88 -12.93 7.19
CA LYS A 67 -7.32 -12.79 7.36
C LYS A 67 -7.92 -14.10 7.88
N ALA A 68 -8.66 -14.01 8.99
CA ALA A 68 -9.35 -15.17 9.55
C ALA A 68 -10.67 -15.44 8.85
N ALA A 69 -11.29 -16.58 9.17
CA ALA A 69 -12.55 -16.95 8.56
C ALA A 69 -13.68 -15.99 8.91
N ASP A 70 -13.58 -15.26 10.01
CA ASP A 70 -14.53 -14.20 10.34
C ASP A 70 -14.16 -12.84 9.76
N ASP A 71 -13.18 -12.79 8.85
CA ASP A 71 -12.79 -11.60 8.07
C ASP A 71 -12.05 -10.55 8.87
N THR A 72 -11.58 -10.86 10.07
CA THR A 72 -10.70 -9.97 10.81
C THR A 72 -9.25 -10.30 10.50
N TRP A 73 -8.38 -9.31 10.72
CA TRP A 73 -6.94 -9.51 10.54
C TRP A 73 -6.35 -10.07 11.82
N GLU A 74 -5.77 -11.26 11.74
CA GLU A 74 -5.12 -11.85 12.91
C GLU A 74 -3.62 -11.66 12.83
N PRO A 75 -2.91 -11.40 13.91
CA PRO A 75 -1.44 -11.35 13.85
C PRO A 75 -0.85 -12.68 13.41
N PHE A 76 0.14 -12.61 12.53
CA PHE A 76 0.78 -13.78 11.97
C PHE A 76 2.26 -13.83 12.23
N ALA A 77 3.00 -12.74 12.02
CA ALA A 77 4.42 -12.71 12.32
C ALA A 77 4.86 -11.26 12.34
N SER A 78 6.05 -10.98 12.88
CA SER A 78 6.58 -9.61 12.85
C SER A 78 8.09 -9.67 12.96
N GLY A 79 8.75 -8.56 12.63
CA GLY A 79 10.20 -8.49 12.72
C GLY A 79 10.68 -7.16 12.21
N LYS A 80 12.01 -7.00 12.19
CA LYS A 80 12.60 -5.80 11.60
C LYS A 80 13.71 -6.15 10.63
N THR A 81 13.92 -5.25 9.67
CA THR A 81 14.97 -5.51 8.68
C THR A 81 16.36 -5.44 9.30
N SER A 82 17.24 -6.26 8.76
CA SER A 82 18.64 -6.32 9.15
C SER A 82 19.45 -5.27 8.40
N GLU A 83 20.77 -5.34 8.58
CA GLU A 83 21.69 -4.43 7.90
C GLU A 83 21.61 -4.56 6.40
N SER A 84 21.15 -5.68 5.88
CA SER A 84 20.98 -5.83 4.44
C SER A 84 19.63 -5.30 3.95
N GLY A 85 18.78 -4.79 4.85
CA GLY A 85 17.44 -4.39 4.46
C GLY A 85 16.45 -5.55 4.33
N GLU A 86 16.81 -6.75 4.74
CA GLU A 86 16.02 -7.95 4.57
C GLU A 86 15.51 -8.46 5.91
N LEU A 87 14.31 -9.02 5.88
CA LEU A 87 13.73 -9.71 7.04
C LEU A 87 13.43 -11.11 6.57
N HIS A 88 14.15 -12.05 7.15
CA HIS A 88 14.07 -13.48 6.91
C HIS A 88 13.43 -14.16 8.12
N GLY A 89 12.95 -15.39 7.89
CA GLY A 89 12.54 -16.23 9.00
C GLY A 89 11.17 -15.95 9.58
N LEU A 90 10.31 -15.23 8.84
CA LEU A 90 9.01 -14.86 9.39
C LEU A 90 8.12 -16.07 9.61
N THR A 91 8.20 -17.07 8.73
CA THR A 91 7.27 -18.19 8.79
C THR A 91 7.95 -19.46 8.26
N THR A 92 7.17 -20.55 8.20
CA THR A 92 7.63 -21.84 7.71
C THR A 92 6.66 -22.33 6.66
N GLU A 93 7.10 -23.30 5.85
CA GLU A 93 6.22 -23.83 4.82
C GLU A 93 4.94 -24.40 5.41
N GLU A 94 5.04 -25.08 6.57
CA GLU A 94 3.85 -25.71 7.16
C GLU A 94 2.87 -24.69 7.73
N GLU A 95 3.36 -23.57 8.28
CA GLU A 95 2.48 -22.59 8.88
C GLU A 95 1.89 -21.63 7.86
N PHE A 96 2.59 -21.43 6.74
CA PHE A 96 2.23 -20.44 5.73
C PHE A 96 1.22 -21.06 4.76
N VAL A 97 0.00 -21.27 5.26
CA VAL A 97 -1.06 -21.89 4.49
C VAL A 97 -1.69 -20.89 3.53
N GLU A 98 -2.55 -21.38 2.65
CA GLU A 98 -3.34 -20.51 1.79
C GLU A 98 -4.05 -19.46 2.63
N GLY A 99 -4.17 -18.25 2.11
CA GLY A 99 -4.92 -17.22 2.80
C GLY A 99 -4.61 -15.87 2.19
N ILE A 100 -5.25 -14.88 2.75
CA ILE A 100 -4.97 -13.48 2.42
C ILE A 100 -4.10 -12.90 3.53
N TYR A 101 -2.94 -12.37 3.16
CA TYR A 101 -1.94 -11.85 4.07
C TYR A 101 -1.76 -10.36 3.86
N LYS A 102 -1.46 -9.66 4.93
CA LYS A 102 -1.16 -8.24 4.87
C LYS A 102 0.19 -8.00 5.54
N VAL A 103 1.09 -7.33 4.85
CA VAL A 103 2.35 -6.90 5.44
C VAL A 103 2.27 -5.39 5.64
N GLU A 104 2.39 -4.93 6.89
CA GLU A 104 2.31 -3.52 7.21
C GLU A 104 3.71 -3.06 7.58
N ILE A 105 4.34 -2.27 6.73
CA ILE A 105 5.72 -1.85 6.92
C ILE A 105 5.73 -0.47 7.56
N ASP A 106 6.39 -0.33 8.71
CA ASP A 106 6.37 0.95 9.46
C ASP A 106 7.37 1.95 8.88
N THR A 107 6.96 2.53 7.75
CA THR A 107 7.84 3.46 7.05
C THR A 107 7.88 4.80 7.75
N LYS A 108 6.82 5.19 8.46
CA LYS A 108 6.81 6.48 9.12
C LYS A 108 7.90 6.57 10.17
N SER A 109 8.04 5.52 11.01
CA SER A 109 9.08 5.55 12.04
C SER A 109 10.48 5.59 11.43
N TYR A 110 10.68 4.89 10.31
CA TYR A 110 11.95 4.94 9.63
C TYR A 110 12.34 6.36 9.22
N TRP A 111 11.43 7.07 8.56
CA TRP A 111 11.75 8.43 8.11
C TRP A 111 11.89 9.40 9.27
N LYS A 112 11.05 9.28 10.29
CA LYS A 112 11.12 10.21 11.41
C LYS A 112 12.48 10.11 12.11
N ALA A 113 13.03 8.91 12.22
CA ALA A 113 14.34 8.75 12.86
C ALA A 113 15.47 9.36 12.03
N LEU A 114 15.26 9.60 10.74
CA LEU A 114 16.19 10.29 9.87
C LEU A 114 15.89 11.78 9.76
N GLY A 115 14.93 12.27 10.54
CA GLY A 115 14.59 13.68 10.56
C GLY A 115 13.54 14.09 9.56
N ILE A 116 12.91 13.15 8.87
CA ILE A 116 12.00 13.47 7.78
C ILE A 116 10.58 13.19 8.23
N SER A 117 9.65 14.11 7.90
CA SER A 117 8.25 13.88 8.18
C SER A 117 7.62 13.36 6.89
N PRO A 118 7.34 12.07 6.78
CA PRO A 118 6.91 11.51 5.50
C PRO A 118 5.40 11.57 5.32
N PHE A 119 4.99 11.24 4.11
CA PHE A 119 3.57 11.32 3.78
C PHE A 119 2.79 10.14 4.34
N HIS A 120 3.28 8.93 4.14
CA HIS A 120 2.48 7.74 4.47
C HIS A 120 2.63 7.33 5.92
N GLU A 121 1.57 6.74 6.46
CA GLU A 121 1.67 6.20 7.80
C GLU A 121 2.44 4.89 7.80
N HIS A 122 2.24 4.09 6.77
CA HIS A 122 2.90 2.81 6.60
C HIS A 122 2.71 2.43 5.15
N ALA A 123 3.46 1.43 4.70
CA ALA A 123 3.23 0.83 3.41
C ALA A 123 2.55 -0.49 3.65
N GLU A 124 1.44 -0.73 2.96
CA GLU A 124 0.64 -1.93 3.14
C GLU A 124 0.71 -2.77 1.88
N VAL A 125 0.89 -4.08 2.04
CA VAL A 125 0.96 -5.01 0.93
C VAL A 125 -0.01 -6.14 1.27
N VAL A 126 -1.09 -6.26 0.51
CA VAL A 126 -2.13 -7.27 0.79
C VAL A 126 -2.23 -8.20 -0.42
N PHE A 127 -2.19 -9.51 -0.19
CA PHE A 127 -2.12 -10.47 -1.29
C PHE A 127 -2.62 -11.84 -0.83
N THR A 128 -3.18 -12.59 -1.78
CA THR A 128 -3.47 -14.01 -1.56
C THR A 128 -2.21 -14.83 -1.80
N ALA A 129 -1.89 -15.73 -0.88
CA ALA A 129 -0.71 -16.57 -0.96
C ALA A 129 -1.10 -18.03 -1.07
N ASN A 130 -0.31 -18.80 -1.82
CA ASN A 130 -0.35 -20.26 -1.88
C ASN A 130 -1.65 -20.81 -2.42
N ASP A 131 -2.38 -20.03 -3.21
CA ASP A 131 -3.68 -20.47 -3.73
C ASP A 131 -3.56 -21.60 -4.74
N SER A 132 -2.40 -21.75 -5.39
CA SER A 132 -2.15 -22.85 -6.33
C SER A 132 -1.02 -23.73 -5.83
N GLY A 133 -0.91 -23.91 -4.51
CA GLY A 133 0.19 -24.65 -3.95
C GLY A 133 1.25 -23.72 -3.41
N PRO A 134 2.21 -24.28 -2.67
CA PRO A 134 3.19 -23.46 -1.97
C PRO A 134 4.05 -22.71 -2.95
N ARG A 135 4.29 -21.44 -2.63
CA ARG A 135 5.28 -20.67 -3.38
C ARG A 135 6.16 -19.92 -2.39
N ARG A 136 7.28 -19.42 -2.89
CA ARG A 136 8.16 -18.56 -2.12
C ARG A 136 7.92 -17.12 -2.58
N TYR A 137 7.77 -16.22 -1.61
CA TYR A 137 7.39 -14.83 -1.88
C TYR A 137 8.47 -13.92 -1.33
N THR A 138 8.98 -13.03 -2.18
CA THR A 138 9.76 -11.87 -1.73
C THR A 138 8.93 -10.63 -1.98
N ILE A 139 8.63 -9.90 -0.92
CA ILE A 139 7.93 -8.62 -1.00
C ILE A 139 9.01 -7.55 -0.90
N ALA A 140 9.08 -6.65 -1.87
CA ALA A 140 10.09 -5.60 -1.88
C ALA A 140 9.42 -4.24 -1.83
N ALA A 141 10.03 -3.32 -1.11
CA ALA A 141 9.54 -1.95 -1.04
C ALA A 141 10.70 -0.99 -1.19
N LEU A 142 10.55 -0.01 -2.06
CA LEU A 142 11.55 1.04 -2.30
C LEU A 142 10.94 2.33 -1.79
N LEU A 143 11.57 2.94 -0.79
CA LEU A 143 10.97 4.02 -0.02
C LEU A 143 11.55 5.40 -0.35
N SER A 144 10.68 6.39 -0.51
CA SER A 144 11.02 7.81 -0.49
C SER A 144 10.04 8.50 0.45
N PRO A 145 10.31 9.75 0.82
CA PRO A 145 9.46 10.35 1.86
C PRO A 145 8.02 10.50 1.44
N TYR A 146 7.74 10.79 0.17
CA TYR A 146 6.37 10.96 -0.30
C TYR A 146 5.92 9.90 -1.28
N SER A 147 6.65 8.79 -1.37
CA SER A 147 6.36 7.79 -2.38
C SER A 147 6.96 6.46 -1.99
N TYR A 148 6.31 5.38 -2.38
CA TYR A 148 6.98 4.09 -2.33
C TYR A 148 6.52 3.24 -3.50
N SER A 149 7.36 2.29 -3.87
CA SER A 149 7.08 1.34 -4.93
C SER A 149 7.23 -0.02 -4.31
N THR A 150 6.28 -0.91 -4.56
CA THR A 150 6.36 -2.26 -4.04
C THR A 150 6.15 -3.27 -5.15
N THR A 151 6.86 -4.39 -5.06
CA THR A 151 6.73 -5.46 -6.03
C THR A 151 6.82 -6.78 -5.29
N ALA A 152 6.49 -7.83 -5.99
CA ALA A 152 6.64 -9.17 -5.43
C ALA A 152 7.35 -10.04 -6.44
N VAL A 153 8.25 -10.89 -5.93
CA VAL A 153 8.90 -11.92 -6.71
C VAL A 153 8.39 -13.25 -6.16
N VAL A 154 7.70 -14.02 -7.00
CA VAL A 154 7.04 -15.25 -6.58
C VAL A 154 7.67 -16.39 -7.35
N THR A 155 8.21 -17.37 -6.62
CA THR A 155 8.93 -18.48 -7.23
C THR A 155 8.33 -19.80 -6.78
N ASN A 156 8.46 -20.82 -7.64
CA ASN A 156 7.92 -22.15 -7.34
C ASN A 156 9.05 -23.06 -6.87
N CYS B 42 -10.94 21.26 -4.85
CA CYS B 42 -10.75 19.81 -4.82
C CYS B 42 -9.63 19.44 -3.85
N PRO B 43 -9.97 19.23 -2.57
CA PRO B 43 -8.93 18.96 -1.58
C PRO B 43 -8.22 17.63 -1.78
N LEU B 44 -8.86 16.65 -2.41
CA LEU B 44 -8.33 15.31 -2.53
C LEU B 44 -8.74 14.74 -3.89
N MET B 45 -7.74 14.33 -4.69
CA MET B 45 -7.97 13.73 -5.99
C MET B 45 -7.08 12.50 -6.08
N VAL B 46 -7.54 11.48 -6.81
CA VAL B 46 -6.76 10.25 -7.01
C VAL B 46 -6.56 10.06 -8.50
N LYS B 47 -5.34 9.73 -8.92
CA LYS B 47 -5.04 9.47 -10.32
C LYS B 47 -4.38 8.11 -10.44
N VAL B 48 -4.84 7.30 -11.38
CA VAL B 48 -4.35 5.93 -11.53
C VAL B 48 -3.94 5.74 -12.98
N LEU B 49 -2.75 5.19 -13.19
CA LEU B 49 -2.18 4.87 -14.50
C LEU B 49 -1.86 3.39 -14.60
N ASP B 50 -1.82 2.91 -15.82
CA ASP B 50 -1.59 1.50 -16.16
C ASP B 50 -0.25 1.42 -16.88
N ALA B 51 0.71 0.71 -16.26
CA ALA B 51 2.07 0.57 -16.80
C ALA B 51 2.21 -0.54 -17.83
N VAL B 52 1.18 -1.38 -18.03
CA VAL B 52 1.20 -2.40 -19.06
C VAL B 52 0.72 -1.83 -20.38
N ARG B 53 -0.31 -1.01 -20.34
CA ARG B 53 -0.90 -0.47 -21.55
C ARG B 53 -0.43 0.95 -21.86
N GLY B 54 0.23 1.61 -20.91
CA GLY B 54 0.64 2.99 -21.11
C GLY B 54 -0.53 3.93 -21.24
N SER B 55 -1.45 3.89 -20.29
CA SER B 55 -2.72 4.58 -20.45
C SER B 55 -3.24 4.94 -19.07
N PRO B 56 -4.18 5.85 -18.98
CA PRO B 56 -4.95 5.96 -17.73
C PRO B 56 -5.59 4.62 -17.41
N ALA B 57 -5.73 4.35 -16.11
CA ALA B 57 -6.47 3.19 -15.63
C ALA B 57 -7.90 3.64 -15.39
N ILE B 58 -8.81 3.23 -16.31
CA ILE B 58 -10.18 3.75 -16.36
C ILE B 58 -11.09 2.78 -15.62
N ASN B 59 -12.10 3.35 -14.96
CA ASN B 59 -13.12 2.55 -14.26
C ASN B 59 -12.55 1.75 -13.11
N VAL B 60 -11.52 2.27 -12.46
CA VAL B 60 -10.95 1.65 -11.27
C VAL B 60 -11.73 2.14 -10.06
N ALA B 61 -12.32 1.22 -9.31
CA ALA B 61 -13.06 1.59 -8.13
C ALA B 61 -12.15 1.78 -6.93
N MET B 62 -12.51 2.72 -6.07
CA MET B 62 -11.77 2.88 -4.82
C MET B 62 -12.70 3.38 -3.74
N HIS B 63 -12.33 3.09 -2.50
CA HIS B 63 -13.01 3.64 -1.34
C HIS B 63 -11.98 4.36 -0.48
N VAL B 64 -12.43 5.46 0.12
CA VAL B 64 -11.64 6.24 1.05
C VAL B 64 -12.25 6.09 2.42
N PHE B 65 -11.41 5.88 3.42
CA PHE B 65 -11.83 5.65 4.80
C PHE B 65 -11.12 6.66 5.68
N ARG B 66 -11.75 6.99 6.81
CA ARG B 66 -11.10 7.80 7.82
C ARG B 66 -11.01 6.97 9.08
N LYS B 67 -9.86 7.05 9.75
CA LYS B 67 -9.65 6.23 10.94
C LYS B 67 -10.45 6.80 12.10
N ALA B 68 -11.24 5.96 12.73
CA ALA B 68 -12.08 6.39 13.84
C ALA B 68 -11.32 6.30 15.16
N ALA B 69 -11.96 6.82 16.22
CA ALA B 69 -11.31 6.86 17.53
C ALA B 69 -11.03 5.46 18.08
N ASP B 70 -11.84 4.47 17.69
CA ASP B 70 -11.63 3.08 18.10
C ASP B 70 -10.72 2.31 17.15
N ASP B 71 -9.97 3.01 16.29
CA ASP B 71 -9.03 2.43 15.34
C ASP B 71 -9.69 1.61 14.24
N THR B 72 -11.00 1.71 14.06
CA THR B 72 -11.64 1.10 12.91
C THR B 72 -11.66 2.10 11.75
N TRP B 73 -11.98 1.61 10.55
CA TRP B 73 -11.95 2.41 9.34
C TRP B 73 -13.39 2.74 8.94
N GLU B 74 -13.75 4.02 9.02
CA GLU B 74 -15.12 4.22 8.57
C GLU B 74 -15.15 4.77 7.16
N PRO B 75 -16.10 4.31 6.34
CA PRO B 75 -16.22 4.83 4.99
C PRO B 75 -16.39 6.34 5.00
N PHE B 76 -15.79 6.99 4.04
CA PHE B 76 -15.73 8.43 3.91
C PHE B 76 -16.18 8.90 2.52
N ALA B 77 -15.75 8.22 1.45
CA ALA B 77 -16.06 8.59 0.07
C ALA B 77 -15.65 7.42 -0.82
N SER B 78 -16.17 7.40 -2.04
CA SER B 78 -15.77 6.37 -2.98
C SER B 78 -16.14 6.81 -4.38
N GLY B 79 -15.60 6.11 -5.39
CA GLY B 79 -15.92 6.41 -6.76
C GLY B 79 -15.07 5.54 -7.70
N LYS B 80 -15.19 5.80 -8.98
CA LYS B 80 -14.42 5.10 -10.02
C LYS B 80 -13.69 6.12 -10.87
N THR B 81 -12.49 5.76 -11.33
CA THR B 81 -11.74 6.70 -12.15
C THR B 81 -12.40 6.93 -13.49
N SER B 82 -12.23 8.15 -13.99
CA SER B 82 -12.74 8.61 -15.28
C SER B 82 -11.88 8.11 -16.42
N GLU B 83 -12.23 8.51 -17.65
CA GLU B 83 -11.42 8.16 -18.80
C GLU B 83 -10.01 8.75 -18.74
N SER B 84 -9.77 9.75 -17.89
CA SER B 84 -8.45 10.31 -17.68
C SER B 84 -7.71 9.62 -16.55
N GLY B 85 -8.30 8.56 -15.97
CA GLY B 85 -7.74 7.89 -14.81
C GLY B 85 -7.87 8.66 -13.53
N GLU B 86 -8.70 9.70 -13.47
CA GLU B 86 -8.80 10.56 -12.30
C GLU B 86 -10.13 10.41 -11.58
N LEU B 87 -10.10 10.58 -10.29
CA LEU B 87 -11.32 10.60 -9.48
C LEU B 87 -11.33 11.91 -8.69
N HIS B 88 -12.28 12.77 -9.02
CA HIS B 88 -12.46 14.10 -8.46
C HIS B 88 -13.70 14.13 -7.57
N GLY B 89 -13.80 15.17 -6.74
CA GLY B 89 -15.03 15.39 -6.00
C GLY B 89 -15.28 14.47 -4.83
N LEU B 90 -14.22 13.84 -4.27
CA LEU B 90 -14.39 12.92 -3.16
C LEU B 90 -14.85 13.63 -1.89
N THR B 91 -14.34 14.85 -1.64
CA THR B 91 -14.66 15.52 -0.39
C THR B 91 -14.70 17.03 -0.63
N THR B 92 -14.95 17.76 0.45
CA THR B 92 -14.92 19.21 0.45
C THR B 92 -13.92 19.67 1.50
N GLU B 93 -13.53 20.93 1.39
CA GLU B 93 -12.58 21.50 2.33
C GLU B 93 -13.07 21.39 3.77
N GLU B 94 -14.37 21.64 4.01
CA GLU B 94 -14.86 21.64 5.39
C GLU B 94 -14.86 20.25 5.98
N GLU B 95 -15.12 19.22 5.16
CA GLU B 95 -15.21 17.85 5.65
C GLU B 95 -13.85 17.21 5.84
N PHE B 96 -12.87 17.64 5.04
CA PHE B 96 -11.56 16.97 4.99
C PHE B 96 -10.65 17.54 6.07
N VAL B 97 -10.93 17.11 7.30
CA VAL B 97 -10.21 17.58 8.47
C VAL B 97 -8.97 16.73 8.74
N GLU B 98 -8.09 17.22 9.60
CA GLU B 98 -6.91 16.44 9.98
C GLU B 98 -7.33 15.07 10.49
N GLY B 99 -6.51 14.09 10.20
CA GLY B 99 -6.83 12.73 10.57
C GLY B 99 -6.05 11.79 9.68
N ILE B 100 -6.23 10.50 9.94
CA ILE B 100 -5.59 9.46 9.15
C ILE B 100 -6.61 8.91 8.18
N TYR B 101 -6.23 8.88 6.90
CA TYR B 101 -7.10 8.44 5.81
C TYR B 101 -6.48 7.26 5.10
N LYS B 102 -7.33 6.39 4.56
CA LYS B 102 -6.89 5.26 3.77
C LYS B 102 -7.63 5.28 2.45
N VAL B 103 -6.90 5.17 1.34
CA VAL B 103 -7.50 4.97 0.03
C VAL B 103 -7.24 3.53 -0.37
N GLU B 104 -8.30 2.76 -0.58
CA GLU B 104 -8.19 1.38 -0.99
C GLU B 104 -8.63 1.29 -2.44
N ILE B 105 -7.69 1.01 -3.33
CA ILE B 105 -7.91 1.01 -4.76
C ILE B 105 -8.07 -0.44 -5.21
N ASP B 106 -9.19 -0.75 -5.87
CA ASP B 106 -9.50 -2.15 -6.24
C ASP B 106 -8.74 -2.51 -7.52
N THR B 107 -7.44 -2.72 -7.36
CA THR B 107 -6.59 -3.09 -8.49
C THR B 107 -6.87 -4.51 -8.98
N LYS B 108 -7.28 -5.42 -8.07
CA LYS B 108 -7.49 -6.80 -8.49
C LYS B 108 -8.60 -6.89 -9.54
N SER B 109 -9.71 -6.16 -9.32
CA SER B 109 -10.79 -6.17 -10.30
C SER B 109 -10.37 -5.59 -11.65
N TYR B 110 -9.51 -4.57 -11.61
CA TYR B 110 -9.02 -3.96 -12.84
C TYR B 110 -8.26 -4.96 -13.68
N TRP B 111 -7.29 -5.67 -13.06
CA TRP B 111 -6.49 -6.63 -13.81
C TRP B 111 -7.35 -7.82 -14.26
N LYS B 112 -8.29 -8.24 -13.41
CA LYS B 112 -9.20 -9.34 -13.78
C LYS B 112 -10.00 -8.97 -15.03
N ALA B 113 -10.47 -7.73 -15.12
CA ALA B 113 -11.23 -7.33 -16.29
C ALA B 113 -10.38 -7.33 -17.55
N LEU B 114 -9.07 -7.19 -17.41
CA LEU B 114 -8.14 -7.24 -18.53
C LEU B 114 -7.62 -8.64 -18.82
N GLY B 115 -8.04 -9.64 -18.04
CA GLY B 115 -7.57 -10.99 -18.25
C GLY B 115 -6.14 -11.22 -17.83
N ILE B 116 -5.64 -10.49 -16.83
CA ILE B 116 -4.23 -10.54 -16.44
C ILE B 116 -4.17 -10.87 -14.94
N SER B 117 -3.40 -11.88 -14.58
CA SER B 117 -3.36 -12.34 -13.20
C SER B 117 -2.59 -11.37 -12.30
N PRO B 118 -3.21 -10.80 -11.26
CA PRO B 118 -2.51 -9.83 -10.42
C PRO B 118 -2.02 -10.41 -9.11
N PHE B 119 -1.12 -9.70 -8.47
CA PHE B 119 -0.59 -10.13 -7.18
C PHE B 119 -1.42 -9.60 -6.02
N HIS B 120 -1.72 -8.31 -6.01
CA HIS B 120 -2.28 -7.66 -4.83
C HIS B 120 -3.80 -7.80 -4.79
N GLU B 121 -4.33 -7.87 -3.57
CA GLU B 121 -5.79 -7.80 -3.41
C GLU B 121 -6.31 -6.41 -3.73
N HIS B 122 -5.54 -5.38 -3.38
CA HIS B 122 -5.86 -3.97 -3.59
C HIS B 122 -4.57 -3.21 -3.35
N ALA B 123 -4.55 -1.96 -3.75
CA ALA B 123 -3.47 -1.08 -3.38
C ALA B 123 -3.99 -0.15 -2.30
N GLU B 124 -3.27 -0.05 -1.20
CA GLU B 124 -3.71 0.70 -0.03
C GLU B 124 -2.77 1.87 0.18
N VAL B 125 -3.32 3.07 0.36
CA VAL B 125 -2.52 4.26 0.60
C VAL B 125 -3.03 4.87 1.88
N VAL B 126 -2.22 4.90 2.93
CA VAL B 126 -2.63 5.38 4.25
C VAL B 126 -1.75 6.55 4.63
N PHE B 127 -2.37 7.69 4.97
CA PHE B 127 -1.64 8.93 5.21
C PHE B 127 -2.34 9.79 6.24
N THR B 128 -1.59 10.72 6.88
CA THR B 128 -2.21 11.74 7.73
C THR B 128 -2.37 13.01 6.92
N ALA B 129 -3.56 13.61 6.97
CA ALA B 129 -3.77 14.93 6.43
C ALA B 129 -3.47 15.94 7.53
N ASN B 130 -2.66 16.96 7.20
CA ASN B 130 -2.20 17.93 8.18
C ASN B 130 -2.41 19.33 7.66
N ASP B 131 -2.83 20.23 8.55
CA ASP B 131 -3.05 21.62 8.17
C ASP B 131 -1.74 22.39 8.29
N SER B 132 -1.02 22.47 7.17
CA SER B 132 0.15 23.33 7.03
C SER B 132 -0.17 24.25 5.86
N GLY B 133 -0.89 25.34 6.15
CA GLY B 133 -1.38 26.22 5.13
C GLY B 133 -2.39 25.53 4.24
N PRO B 134 -2.84 26.22 3.18
CA PRO B 134 -3.73 25.58 2.21
C PRO B 134 -3.01 24.45 1.50
N ARG B 135 -3.66 23.28 1.47
CA ARG B 135 -3.07 22.10 0.83
C ARG B 135 -4.12 21.34 0.04
N ARG B 136 -3.76 21.00 -1.20
CA ARG B 136 -4.49 20.07 -2.03
C ARG B 136 -3.64 18.81 -2.16
N TYR B 137 -4.28 17.64 -2.11
CA TYR B 137 -3.60 16.35 -2.17
C TYR B 137 -4.00 15.62 -3.45
N THR B 138 -3.02 15.22 -4.25
CA THR B 138 -3.25 14.23 -5.28
C THR B 138 -2.52 12.97 -4.87
N ILE B 139 -3.25 11.87 -4.79
CA ILE B 139 -2.70 10.55 -4.53
C ILE B 139 -2.59 9.89 -5.90
N ALA B 140 -1.41 9.48 -6.31
CA ALA B 140 -1.25 8.86 -7.60
C ALA B 140 -0.76 7.43 -7.44
N ALA B 141 -1.22 6.53 -8.30
CA ALA B 141 -0.80 5.14 -8.32
C ALA B 141 -0.52 4.68 -9.74
N LEU B 142 0.64 4.08 -9.95
CA LEU B 142 1.02 3.51 -11.23
C LEU B 142 1.01 2.01 -11.06
N LEU B 143 0.18 1.34 -11.85
CA LEU B 143 -0.16 -0.07 -11.61
C LEU B 143 0.49 -1.00 -12.62
N SER B 144 1.08 -2.09 -12.12
CA SER B 144 1.47 -3.25 -12.89
C SER B 144 0.87 -4.48 -12.20
N PRO B 145 0.83 -5.63 -12.88
CA PRO B 145 0.16 -6.78 -12.26
C PRO B 145 0.82 -7.22 -10.96
N TYR B 146 2.14 -7.17 -10.84
CA TYR B 146 2.85 -7.61 -9.65
C TYR B 146 3.53 -6.48 -8.91
N SER B 147 3.16 -5.23 -9.19
CA SER B 147 3.85 -4.11 -8.55
C SER B 147 3.00 -2.87 -8.67
N TYR B 148 3.10 -1.97 -7.70
CA TYR B 148 2.57 -0.63 -7.88
C TYR B 148 3.46 0.39 -7.21
N SER B 149 3.41 1.62 -7.73
CA SER B 149 4.18 2.74 -7.22
C SER B 149 3.17 3.80 -6.88
N THR B 150 3.26 4.37 -5.68
CA THR B 150 2.32 5.42 -5.30
C THR B 150 3.07 6.63 -4.79
N THR B 151 2.60 7.82 -5.14
CA THR B 151 3.21 9.04 -4.64
C THR B 151 2.11 10.02 -4.28
N ALA B 152 2.50 11.07 -3.61
CA ALA B 152 1.57 12.13 -3.29
C ALA B 152 2.13 13.44 -3.81
N VAL B 153 1.26 14.24 -4.39
CA VAL B 153 1.62 15.58 -4.84
C VAL B 153 0.79 16.54 -3.99
N VAL B 154 1.44 17.24 -3.08
CA VAL B 154 0.77 18.10 -2.10
C VAL B 154 1.14 19.54 -2.43
N THR B 155 0.15 20.36 -2.79
CA THR B 155 0.40 21.70 -3.33
C THR B 155 -0.51 22.72 -2.65
N ASN B 156 -0.19 23.99 -2.85
CA ASN B 156 -0.96 25.09 -2.26
C ASN B 156 -1.93 25.70 -3.27
CAA PKK C . 13.55 -3.19 -4.63
CAC PKK C . 14.35 -2.98 -5.70
CAD PKK C . 13.63 -2.23 -6.55
CAE PKK C . 12.43 -2.03 -5.98
CAF PKK C . 15.64 -3.38 -5.89
CAG PKK C . 16.09 -4.64 -5.48
CAH PKK C . 17.45 -4.78 -5.17
CAI PKK C . 15.26 -5.75 -5.35
CAJ PKK C . 18.00 -6.00 -4.74
CAK PKK C . 15.75 -6.97 -4.92
CAL PKK C . 17.11 -7.07 -4.62
CAQ PKK C . 13.87 -1.70 -7.75
CAR PKK C . 12.90 -0.95 -8.42
CAS PKK C . 11.46 -1.33 -6.57
CAT PKK C . 11.66 -0.76 -7.80
CAU PKK C . 13.82 -3.93 -3.31
CAV PKK C . 13.22 -3.11 -2.19
IAN PKK C . 20.11 -6.11 -4.28
IAP PKK C . 14.38 -8.58 -4.73
OAB PKK C . 12.42 -2.62 -4.84
OAM PKK C . 16.48 -2.57 -6.25
OAO PKK C . 17.59 -8.28 -4.21
OAW PKK C . 10.66 -0.05 -8.39
CAA PKK D . 4.25 10.55 -12.35
CAC PKK D . 3.32 10.12 -11.48
CAD PKK D . 3.77 8.90 -11.05
CAE PKK D . 4.91 8.63 -11.69
CAF PKK D . 2.22 10.73 -10.99
CAG PKK D . 1.46 11.61 -11.77
CAH PKK D . 0.82 12.67 -11.11
CAI PKK D . 1.31 11.51 -13.15
CAJ PKK D . 0.06 13.64 -11.80
CAK PKK D . 0.59 12.42 -13.88
CAL PKK D . -0.02 13.49 -13.19
CAQ PKK D . 3.29 8.01 -10.17
CAR PKK D . 3.97 6.81 -9.93
CAS PKK D . 5.60 7.51 -11.52
CAT PKK D . 5.14 6.56 -10.62
CAU PKK D . 4.34 11.86 -13.16
CAV PKK D . 5.78 12.31 -13.14
IAN PKK D . -0.87 15.27 -10.69
IAP PKK D . 0.51 12.11 -16.00
OAB PKK D . 5.18 9.67 -12.50
OAM PKK D . 2.02 10.72 -9.79
OAO PKK D . -0.76 14.39 -13.89
OAW PKK D . 5.87 5.40 -10.44
#